data_3N6S
#
_entry.id   3N6S
#
_cell.length_a   83.244
_cell.length_b   83.244
_cell.length_c   171.858
_cell.angle_alpha   90.00
_cell.angle_beta   90.00
_cell.angle_gamma   120.00
#
_symmetry.space_group_name_H-M   'P 31 2 1'
#
loop_
_entity.id
_entity.type
_entity.pdbx_description
1 polymer 'Transcription termination factor, mitochondrial'
2 polymer "DNA (5'-D(*AP*TP*GP*GP*CP*AP*GP*AP*GP*CP*CP*CP*GP*GP*T)-3')"
3 polymer "DNA (5'-D(*TP*AP*CP*CP*GP*GP*GP*CP*TP*CP*TP*GP*CP*CP*A)-3')"
#
loop_
_entity_poly.entity_id
_entity_poly.type
_entity_poly.pdbx_seq_one_letter_code
_entity_poly.pdbx_strand_id
1 'polypeptide(L)'
;MASRLFGVKCHNTDSEPLKNEDLLKNLLTMGVDIDMARKRQPGVFHRMITNEQDLKMFLLSKGASKEVIASIISRYPRAI
TRTPENLSKRWDLWRKIVTSDLEIVNILERSPESFFRSNNNLNLENNIKFLYSVGLTRKCLCRLLTNAPRTFSNSLDLNK
QMVEFLQAAGLSLGHNDPADFVRKIIFKNPFILIQSTKRVKANIEFLRSTFNLNSEELLVLICGPGAEILDLSNDYARRS
YANIKEKLFSLGCTEEEVQKFVLSYPDVIFLAEKKFNDKIDCLMEENISISQIIENPRVLDSSISTLKSRIKELVNAGCN
LSTLNITLLSWSKKRYEAKLKKLSRFAHHHHHH
;
A
2 'polydeoxyribonucleotide' (DA)(DT)(DG)(DG)(DC)(DA)(DG)(DA)(DG)(DC)(DC)(DC)(DG)(DG)(DT) B
3 'polydeoxyribonucleotide' (DT)(DA)(DC)(DC)(DG)(DG)(DG)(DC)(DT)(DC)(DT)(DG)(DC)(DC)(DA) C
#
loop_
_chem_comp.id
_chem_comp.type
_chem_comp.name
_chem_comp.formula
DA DNA linking 2'-DEOXYADENOSINE-5'-MONOPHOSPHATE 'C10 H14 N5 O6 P'
DC DNA linking 2'-DEOXYCYTIDINE-5'-MONOPHOSPHATE 'C9 H14 N3 O7 P'
DG DNA linking 2'-DEOXYGUANOSINE-5'-MONOPHOSPHATE 'C10 H14 N5 O7 P'
DT DNA linking THYMIDINE-5'-MONOPHOSPHATE 'C10 H15 N2 O8 P'
#
# COMPACT_ATOMS: atom_id res chain seq x y z
N PHE A 6 -49.89 1.63 -8.99
CA PHE A 6 -51.03 1.77 -8.07
C PHE A 6 -52.32 2.09 -8.83
N GLY A 7 -53.30 2.67 -8.16
CA GLY A 7 -54.55 3.04 -8.79
C GLY A 7 -55.78 2.45 -8.10
N VAL A 8 -55.55 1.74 -6.99
CA VAL A 8 -56.63 1.09 -6.25
C VAL A 8 -56.81 1.64 -4.81
N LYS A 9 -56.10 1.07 -3.84
CA LYS A 9 -56.26 1.50 -2.44
C LYS A 9 -55.06 1.30 -1.49
N CYS A 10 -55.35 1.28 -0.18
CA CYS A 10 -54.36 1.53 0.87
C CYS A 10 -53.68 0.33 1.54
N HIS A 11 -53.52 0.43 2.86
CA HIS A 11 -52.63 -0.43 3.64
C HIS A 11 -53.36 -1.25 4.71
N ASN A 12 -53.07 -1.00 5.98
CA ASN A 12 -53.65 -1.79 7.08
C ASN A 12 -54.13 -0.99 8.28
N THR A 13 -53.27 -0.11 8.80
CA THR A 13 -53.59 0.71 9.98
C THR A 13 -54.04 -0.13 11.20
N ASP A 14 -53.09 -0.87 11.77
CA ASP A 14 -53.34 -1.69 12.96
C ASP A 14 -52.03 -2.27 13.48
N SER A 15 -51.84 -2.27 14.79
CA SER A 15 -50.61 -2.77 15.42
C SER A 15 -50.17 -4.13 14.84
N GLU A 16 -49.11 -4.10 14.05
CA GLU A 16 -48.70 -5.27 13.27
C GLU A 16 -47.39 -5.92 13.74
N PRO A 17 -47.38 -7.26 13.81
CA PRO A 17 -46.19 -8.07 14.10
C PRO A 17 -45.09 -7.88 13.06
N LEU A 18 -43.84 -7.78 13.53
CA LEU A 18 -42.69 -7.57 12.66
C LEU A 18 -42.40 -8.79 11.78
N LYS A 19 -41.89 -8.54 10.58
CA LYS A 19 -41.62 -9.62 9.62
C LYS A 19 -40.18 -9.55 9.11
N ASN A 20 -39.33 -10.41 9.65
CA ASN A 20 -37.89 -10.38 9.34
C ASN A 20 -37.39 -11.60 8.57
N GLU A 21 -36.24 -11.45 7.93
CA GLU A 21 -35.55 -12.56 7.27
C GLU A 21 -35.06 -13.57 8.30
N ASP A 22 -35.78 -14.68 8.40
CA ASP A 22 -35.53 -15.70 9.43
C ASP A 22 -34.23 -16.45 9.20
N LEU A 23 -34.14 -17.14 8.06
CA LEU A 23 -33.00 -17.98 7.74
C LEU A 23 -31.67 -17.25 7.94
N LEU A 24 -31.69 -15.93 7.71
CA LEU A 24 -30.50 -15.11 7.84
C LEU A 24 -29.71 -15.45 9.09
N LYS A 25 -30.18 -14.93 10.22
CA LYS A 25 -29.45 -14.99 11.47
C LYS A 25 -28.88 -16.38 11.71
N ASN A 26 -29.72 -17.40 11.52
CA ASN A 26 -29.31 -18.78 11.71
C ASN A 26 -28.15 -19.16 10.79
N LEU A 27 -28.42 -19.23 9.49
CA LEU A 27 -27.43 -19.66 8.51
C LEU A 27 -26.09 -18.97 8.74
N LEU A 28 -26.14 -17.69 9.04
CA LEU A 28 -24.94 -16.90 9.30
C LEU A 28 -24.15 -17.47 10.47
N THR A 29 -24.77 -17.44 11.66
CA THR A 29 -24.15 -17.97 12.88
C THR A 29 -23.53 -19.35 12.67
N MET A 30 -24.12 -20.12 11.76
CA MET A 30 -23.55 -21.39 11.36
C MET A 30 -22.30 -21.17 10.52
N GLY A 31 -21.43 -20.27 10.99
CA GLY A 31 -20.19 -19.96 10.33
C GLY A 31 -19.58 -18.62 10.73
N VAL A 32 -20.39 -17.57 10.66
CA VAL A 32 -19.88 -16.19 10.70
C VAL A 32 -19.97 -15.50 12.05
N ASP A 33 -19.19 -14.42 12.19
CA ASP A 33 -19.27 -13.53 13.34
C ASP A 33 -20.37 -12.49 13.13
N ILE A 34 -21.60 -12.86 13.46
CA ILE A 34 -22.76 -12.00 13.25
C ILE A 34 -22.63 -10.63 13.93
N ASP A 35 -21.94 -10.61 15.07
CA ASP A 35 -21.80 -9.38 15.83
C ASP A 35 -21.05 -8.31 15.04
N MET A 36 -19.83 -8.64 14.60
CA MET A 36 -19.00 -7.71 13.83
C MET A 36 -19.67 -7.21 12.55
N ALA A 37 -20.24 -8.13 11.78
CA ALA A 37 -20.94 -7.77 10.56
C ALA A 37 -21.94 -6.64 10.83
N ARG A 38 -22.88 -6.91 11.74
CA ARG A 38 -23.90 -5.93 12.09
C ARG A 38 -23.32 -4.60 12.55
N LYS A 39 -22.07 -4.63 13.00
CA LYS A 39 -21.36 -3.42 13.38
C LYS A 39 -21.00 -2.63 12.13
N ARG A 40 -20.51 -3.35 11.12
CA ARG A 40 -20.02 -2.73 9.89
C ARG A 40 -21.17 -2.39 8.94
N GLN A 41 -21.92 -3.39 8.51
CA GLN A 41 -23.04 -3.17 7.61
C GLN A 41 -24.38 -3.52 8.26
N PRO A 42 -24.91 -2.60 9.09
CA PRO A 42 -26.19 -2.77 9.76
C PRO A 42 -27.33 -3.02 8.78
N GLY A 43 -27.45 -2.13 7.80
CA GLY A 43 -28.56 -2.17 6.86
C GLY A 43 -28.77 -3.52 6.20
N VAL A 44 -27.72 -4.30 6.09
CA VAL A 44 -27.79 -5.63 5.51
C VAL A 44 -28.76 -6.50 6.32
N PHE A 45 -28.72 -6.33 7.64
CA PHE A 45 -29.52 -7.15 8.53
C PHE A 45 -30.97 -6.70 8.61
N HIS A 46 -31.21 -5.42 8.37
CA HIS A 46 -32.56 -4.89 8.29
C HIS A 46 -33.18 -5.29 6.96
N ARG A 47 -32.42 -6.03 6.16
CA ARG A 47 -32.81 -6.42 4.82
C ARG A 47 -33.53 -7.77 4.80
N MET A 48 -34.47 -7.94 3.88
CA MET A 48 -35.12 -9.22 3.71
C MET A 48 -34.80 -9.84 2.35
N ILE A 49 -34.90 -11.16 2.28
CA ILE A 49 -34.48 -11.92 1.09
C ILE A 49 -32.98 -11.75 0.85
N THR A 50 -32.18 -12.40 1.68
CA THR A 50 -30.72 -12.36 1.54
C THR A 50 -30.20 -13.60 0.82
N ASN A 51 -29.25 -13.40 -0.09
CA ASN A 51 -28.74 -14.49 -0.91
C ASN A 51 -27.48 -15.11 -0.31
N GLU A 52 -27.37 -15.00 1.01
CA GLU A 52 -26.33 -15.63 1.81
C GLU A 52 -26.16 -17.10 1.48
N GLN A 53 -27.26 -17.83 1.61
CA GLN A 53 -27.29 -19.27 1.34
C GLN A 53 -26.53 -19.63 0.07
N ASP A 54 -27.06 -19.22 -1.08
CA ASP A 54 -26.44 -19.55 -2.38
C ASP A 54 -24.99 -19.13 -2.43
N LEU A 55 -24.71 -17.92 -1.95
CA LEU A 55 -23.36 -17.37 -1.96
C LEU A 55 -22.35 -18.41 -1.51
N LYS A 56 -22.63 -19.02 -0.36
CA LYS A 56 -21.74 -20.01 0.25
C LYS A 56 -21.37 -21.12 -0.72
N MET A 57 -22.37 -21.67 -1.38
CA MET A 57 -22.16 -22.77 -2.31
C MET A 57 -21.21 -22.36 -3.43
N PHE A 58 -21.43 -21.15 -3.96
CA PHE A 58 -20.55 -20.59 -4.99
C PHE A 58 -19.10 -20.66 -4.56
N LEU A 59 -18.78 -19.94 -3.49
CA LEU A 59 -17.42 -19.89 -2.98
C LEU A 59 -16.90 -21.29 -2.75
N LEU A 60 -17.79 -22.16 -2.28
CA LEU A 60 -17.44 -23.55 -2.03
C LEU A 60 -17.02 -24.22 -3.34
N SER A 61 -17.74 -23.92 -4.41
CA SER A 61 -17.45 -24.50 -5.72
C SER A 61 -16.07 -24.06 -6.23
N LYS A 62 -15.56 -22.97 -5.67
CA LYS A 62 -14.23 -22.48 -6.07
C LYS A 62 -13.14 -22.96 -5.12
N GLY A 63 -13.51 -23.82 -4.19
CA GLY A 63 -12.57 -24.39 -3.24
C GLY A 63 -12.16 -23.39 -2.17
N ALA A 64 -13.12 -23.02 -1.33
CA ALA A 64 -12.88 -22.05 -0.26
C ALA A 64 -13.27 -22.63 1.10
N SER A 65 -12.32 -22.62 2.04
CA SER A 65 -12.57 -23.16 3.37
C SER A 65 -13.76 -22.50 4.06
N LYS A 66 -14.68 -23.31 4.57
CA LYS A 66 -15.84 -22.80 5.29
C LYS A 66 -15.41 -21.76 6.32
N GLU A 67 -14.21 -21.93 6.86
CA GLU A 67 -13.65 -20.97 7.80
C GLU A 67 -13.56 -19.59 7.17
N VAL A 68 -12.80 -19.50 6.07
CA VAL A 68 -12.52 -18.22 5.42
C VAL A 68 -13.78 -17.59 4.82
N ILE A 69 -14.69 -18.44 4.36
CA ILE A 69 -15.96 -17.97 3.82
C ILE A 69 -16.72 -17.12 4.82
N ALA A 70 -16.85 -17.63 6.04
CA ALA A 70 -17.50 -16.89 7.11
C ALA A 70 -16.67 -15.68 7.53
N SER A 71 -15.35 -15.80 7.36
CA SER A 71 -14.44 -14.69 7.63
C SER A 71 -14.72 -13.53 6.68
N ILE A 72 -15.12 -13.86 5.46
CA ILE A 72 -15.41 -12.86 4.43
C ILE A 72 -16.72 -12.12 4.72
N ILE A 73 -17.75 -12.88 5.06
CA ILE A 73 -19.04 -12.28 5.39
C ILE A 73 -18.91 -11.44 6.64
N SER A 74 -17.98 -11.82 7.50
CA SER A 74 -17.73 -11.10 8.75
C SER A 74 -17.34 -9.65 8.47
N ARG A 75 -16.33 -9.49 7.63
CA ARG A 75 -15.79 -8.16 7.34
C ARG A 75 -16.59 -7.40 6.29
N TYR A 76 -17.32 -8.13 5.45
CA TYR A 76 -18.16 -7.51 4.42
C TYR A 76 -19.48 -8.25 4.27
N PRO A 77 -20.42 -7.98 5.19
CA PRO A 77 -21.77 -8.57 5.18
C PRO A 77 -22.46 -8.50 3.82
N ARG A 78 -22.24 -7.41 3.09
CA ARG A 78 -22.97 -7.15 1.84
C ARG A 78 -22.77 -8.23 0.78
N ALA A 79 -21.78 -9.08 0.97
CA ALA A 79 -21.54 -10.19 0.06
C ALA A 79 -22.83 -10.97 -0.16
N ILE A 80 -23.57 -11.16 0.91
CA ILE A 80 -24.85 -11.84 0.89
C ILE A 80 -25.77 -11.28 -0.19
N THR A 81 -25.80 -9.96 -0.29
CA THR A 81 -26.70 -9.24 -1.20
C THR A 81 -26.67 -9.74 -2.64
N ARG A 82 -25.50 -10.10 -3.12
CA ARG A 82 -25.29 -10.31 -4.55
C ARG A 82 -25.57 -11.73 -5.05
N THR A 83 -26.14 -11.81 -6.25
CA THR A 83 -26.56 -13.07 -6.86
C THR A 83 -25.38 -13.90 -7.35
N PRO A 84 -25.55 -15.24 -7.39
CA PRO A 84 -24.49 -16.13 -7.84
C PRO A 84 -24.21 -15.97 -9.33
N GLU A 85 -25.24 -15.66 -10.10
CA GLU A 85 -25.08 -15.50 -11.55
C GLU A 85 -24.21 -14.30 -11.87
N ASN A 86 -24.35 -13.24 -11.06
CA ASN A 86 -23.51 -12.05 -11.21
C ASN A 86 -22.09 -12.31 -10.73
N LEU A 87 -21.96 -12.96 -9.59
CA LEU A 87 -20.65 -13.29 -9.04
C LEU A 87 -19.84 -14.15 -9.98
N SER A 88 -20.50 -15.08 -10.65
CA SER A 88 -19.82 -15.98 -11.59
C SER A 88 -19.09 -15.20 -12.68
N LYS A 89 -19.76 -14.22 -13.28
CA LYS A 89 -19.13 -13.43 -14.34
C LYS A 89 -17.98 -12.63 -13.77
N ARG A 90 -18.24 -11.84 -12.72
CA ARG A 90 -17.21 -11.03 -12.09
C ARG A 90 -15.98 -11.89 -11.77
N TRP A 91 -16.21 -13.07 -11.22
CA TRP A 91 -15.13 -14.00 -10.91
C TRP A 91 -14.33 -14.31 -12.17
N ASP A 92 -15.04 -14.61 -13.25
CA ASP A 92 -14.40 -14.98 -14.50
C ASP A 92 -13.58 -13.82 -15.07
N LEU A 93 -14.08 -12.61 -14.88
CA LEU A 93 -13.34 -11.42 -15.28
C LEU A 93 -11.98 -11.40 -14.59
N TRP A 94 -11.98 -11.63 -13.28
CA TRP A 94 -10.73 -11.72 -12.53
C TRP A 94 -9.83 -12.80 -13.13
N ARG A 95 -10.44 -13.90 -13.56
CA ARG A 95 -9.69 -15.03 -14.12
C ARG A 95 -8.76 -14.60 -15.25
N LYS A 96 -9.19 -13.63 -16.05
CA LYS A 96 -8.36 -13.06 -17.11
C LYS A 96 -6.94 -12.85 -16.63
N ILE A 97 -6.80 -12.03 -15.59
CA ILE A 97 -5.51 -11.60 -15.09
C ILE A 97 -4.92 -12.59 -14.10
N VAL A 98 -5.79 -13.28 -13.37
CA VAL A 98 -5.38 -14.06 -12.21
C VAL A 98 -4.84 -15.46 -12.55
N THR A 99 -5.40 -16.09 -13.58
CA THR A 99 -4.98 -17.42 -14.03
C THR A 99 -5.42 -18.57 -13.10
N SER A 100 -5.77 -18.24 -11.86
CA SER A 100 -6.00 -19.28 -10.85
C SER A 100 -7.15 -18.96 -9.87
N ASP A 101 -8.05 -19.93 -9.70
CA ASP A 101 -9.13 -19.81 -8.73
C ASP A 101 -8.63 -19.55 -7.31
N LEU A 102 -7.45 -20.05 -7.01
CA LEU A 102 -6.93 -20.01 -5.64
C LEU A 102 -6.43 -18.63 -5.24
N GLU A 103 -5.76 -17.96 -6.17
CA GLU A 103 -5.19 -16.66 -5.89
C GLU A 103 -6.30 -15.67 -5.59
N ILE A 104 -7.35 -15.73 -6.40
CA ILE A 104 -8.53 -14.90 -6.16
C ILE A 104 -8.99 -15.09 -4.72
N VAL A 105 -8.97 -16.34 -4.27
CA VAL A 105 -9.35 -16.64 -2.89
C VAL A 105 -8.43 -15.94 -1.90
N ASN A 106 -7.11 -16.13 -2.08
CA ASN A 106 -6.13 -15.46 -1.21
C ASN A 106 -6.36 -13.95 -1.13
N ILE A 107 -6.79 -13.36 -2.24
CA ILE A 107 -7.01 -11.92 -2.32
C ILE A 107 -8.30 -11.51 -1.63
N LEU A 108 -9.32 -12.35 -1.75
CA LEU A 108 -10.59 -12.11 -1.09
C LEU A 108 -10.44 -12.18 0.43
N GLU A 109 -9.74 -13.21 0.91
CA GLU A 109 -9.55 -13.38 2.34
C GLU A 109 -8.61 -12.31 2.89
N ARG A 110 -7.99 -11.56 1.99
CA ARG A 110 -7.14 -10.46 2.38
C ARG A 110 -7.97 -9.18 2.44
N SER A 111 -8.59 -8.84 1.32
CA SER A 111 -9.49 -7.69 1.25
C SER A 111 -10.76 -8.05 0.49
N PRO A 112 -11.81 -8.44 1.23
CA PRO A 112 -13.11 -8.81 0.69
C PRO A 112 -13.78 -7.66 -0.07
N GLU A 113 -13.70 -6.44 0.48
CA GLU A 113 -14.32 -5.28 -0.14
C GLU A 113 -14.19 -5.31 -1.65
N SER A 114 -12.95 -5.35 -2.11
CA SER A 114 -12.61 -5.36 -3.52
C SER A 114 -13.68 -5.99 -4.41
N PHE A 115 -13.86 -7.29 -4.25
CA PHE A 115 -14.74 -8.06 -5.12
C PHE A 115 -16.20 -7.66 -4.99
N PHE A 116 -16.63 -7.35 -3.76
CA PHE A 116 -18.05 -7.24 -3.47
C PHE A 116 -18.64 -5.84 -3.43
N ARG A 117 -17.79 -4.81 -3.39
CA ARG A 117 -18.29 -3.45 -3.23
C ARG A 117 -19.06 -2.93 -4.45
N SER A 118 -19.18 -3.78 -5.47
CA SER A 118 -19.89 -3.42 -6.68
C SER A 118 -20.34 -4.66 -7.42
N ASN A 119 -21.49 -4.59 -8.08
CA ASN A 119 -21.95 -5.70 -8.91
C ASN A 119 -21.74 -5.39 -10.39
N ASN A 120 -21.33 -4.15 -10.67
CA ASN A 120 -21.14 -3.68 -12.03
C ASN A 120 -20.00 -4.41 -12.74
N ASN A 121 -20.34 -5.44 -13.49
CA ASN A 121 -19.35 -6.20 -14.25
C ASN A 121 -19.01 -5.51 -15.56
N LEU A 122 -19.98 -4.80 -16.12
CA LEU A 122 -19.75 -3.99 -17.30
C LEU A 122 -18.51 -3.16 -17.05
N ASN A 123 -18.65 -2.19 -16.15
CA ASN A 123 -17.55 -1.32 -15.76
C ASN A 123 -16.26 -2.09 -15.45
N LEU A 124 -16.40 -3.29 -14.90
CA LEU A 124 -15.24 -4.11 -14.58
C LEU A 124 -14.52 -4.57 -15.84
N GLU A 125 -15.29 -4.90 -16.87
CA GLU A 125 -14.73 -5.27 -18.16
C GLU A 125 -14.04 -4.06 -18.75
N ASN A 126 -14.76 -2.94 -18.79
CA ASN A 126 -14.19 -1.67 -19.19
C ASN A 126 -12.81 -1.42 -18.60
N ASN A 127 -12.74 -1.48 -17.27
CA ASN A 127 -11.48 -1.24 -16.56
C ASN A 127 -10.37 -2.16 -17.04
N ILE A 128 -10.64 -3.46 -17.10
CA ILE A 128 -9.63 -4.42 -17.52
C ILE A 128 -9.08 -4.11 -18.90
N LYS A 129 -9.98 -3.88 -19.85
CA LYS A 129 -9.57 -3.66 -21.22
C LYS A 129 -8.94 -2.29 -21.38
N PHE A 130 -9.23 -1.39 -20.45
CA PHE A 130 -8.61 -0.06 -20.48
C PHE A 130 -7.19 -0.12 -19.95
N LEU A 131 -6.97 -0.93 -18.93
CA LEU A 131 -5.66 -1.02 -18.30
C LEU A 131 -4.68 -1.75 -19.20
N TYR A 132 -5.17 -2.67 -20.02
CA TYR A 132 -4.32 -3.29 -21.01
C TYR A 132 -3.95 -2.27 -22.08
N SER A 133 -4.93 -1.46 -22.50
CA SER A 133 -4.70 -0.46 -23.54
C SER A 133 -3.69 0.59 -23.10
N VAL A 134 -3.36 0.57 -21.80
CA VAL A 134 -2.41 1.53 -21.27
C VAL A 134 -0.99 0.99 -21.47
N GLY A 135 -0.91 -0.28 -21.81
CA GLY A 135 0.36 -0.90 -22.16
C GLY A 135 0.84 -1.86 -21.09
N LEU A 136 -0.10 -2.38 -20.32
CA LEU A 136 0.23 -3.23 -19.19
C LEU A 136 0.23 -4.71 -19.52
N THR A 137 1.25 -5.40 -19.05
CA THR A 137 1.35 -6.85 -19.19
C THR A 137 0.30 -7.51 -18.30
N ARG A 138 -0.14 -8.71 -18.67
CA ARG A 138 -1.01 -9.50 -17.81
C ARG A 138 -0.32 -9.65 -16.47
N LYS A 139 1.01 -9.73 -16.52
CA LYS A 139 1.85 -9.82 -15.33
C LYS A 139 1.64 -8.62 -14.42
N CYS A 140 1.61 -7.43 -15.01
CA CYS A 140 1.45 -6.20 -14.23
C CYS A 140 0.04 -6.03 -13.68
N LEU A 141 -0.97 -6.24 -14.52
CA LEU A 141 -2.36 -6.14 -14.05
C LEU A 141 -2.57 -7.12 -12.91
N CYS A 142 -1.91 -8.27 -12.99
CA CYS A 142 -1.92 -9.23 -11.91
C CYS A 142 -1.36 -8.58 -10.66
N ARG A 143 -0.21 -7.93 -10.82
CA ARG A 143 0.41 -7.16 -9.75
C ARG A 143 -0.58 -6.18 -9.13
N LEU A 144 -1.31 -5.45 -9.98
CA LEU A 144 -2.34 -4.53 -9.53
C LEU A 144 -3.47 -5.26 -8.80
N LEU A 145 -3.97 -6.31 -9.43
CA LEU A 145 -5.13 -7.02 -8.90
C LEU A 145 -4.90 -7.52 -7.49
N THR A 146 -3.70 -8.05 -7.24
CA THR A 146 -3.37 -8.57 -5.92
C THR A 146 -3.16 -7.45 -4.90
N ASN A 147 -2.24 -6.55 -5.20
CA ASN A 147 -1.93 -5.45 -4.29
C ASN A 147 -3.06 -4.42 -4.15
N ALA A 148 -3.56 -3.94 -5.26
CA ALA A 148 -4.57 -2.88 -5.25
C ALA A 148 -5.82 -3.31 -5.98
N PRO A 149 -6.56 -4.27 -5.41
CA PRO A 149 -7.76 -4.85 -6.05
C PRO A 149 -8.89 -3.83 -6.21
N ARG A 150 -8.97 -2.85 -5.31
CA ARG A 150 -9.98 -1.80 -5.41
C ARG A 150 -9.90 -1.09 -6.74
N THR A 151 -8.72 -1.11 -7.35
CA THR A 151 -8.48 -0.42 -8.62
C THR A 151 -9.55 -0.74 -9.67
N PHE A 152 -10.00 -1.98 -9.69
CA PHE A 152 -10.92 -2.45 -10.71
C PHE A 152 -12.35 -2.23 -10.28
N SER A 153 -12.52 -1.98 -8.98
CA SER A 153 -13.83 -1.60 -8.45
C SER A 153 -14.02 -0.12 -8.72
N ASN A 154 -12.91 0.56 -8.99
CA ASN A 154 -12.97 1.98 -9.31
C ASN A 154 -13.82 2.21 -10.54
N SER A 155 -14.50 3.34 -10.58
CA SER A 155 -15.24 3.72 -11.78
C SER A 155 -14.23 3.92 -12.91
N LEU A 156 -14.61 3.58 -14.13
CA LEU A 156 -13.72 3.78 -15.27
C LEU A 156 -13.32 5.25 -15.40
N ASP A 157 -14.27 6.14 -15.11
CA ASP A 157 -13.98 7.57 -15.20
C ASP A 157 -12.90 7.97 -14.21
N LEU A 158 -12.99 7.43 -12.99
CA LEU A 158 -11.97 7.68 -11.97
C LEU A 158 -10.60 7.25 -12.46
N ASN A 159 -10.46 5.98 -12.79
CA ASN A 159 -9.21 5.43 -13.33
C ASN A 159 -8.68 6.20 -14.53
N LYS A 160 -9.59 6.61 -15.41
CA LYS A 160 -9.22 7.37 -16.59
C LYS A 160 -8.66 8.73 -16.18
N GLN A 161 -9.22 9.31 -15.12
CA GLN A 161 -8.76 10.59 -14.62
C GLN A 161 -7.36 10.55 -14.03
N MET A 162 -7.06 9.49 -13.27
CA MET A 162 -5.75 9.34 -12.67
C MET A 162 -4.71 9.28 -13.78
N VAL A 163 -4.94 8.39 -14.73
CA VAL A 163 -4.04 8.22 -15.86
C VAL A 163 -3.82 9.52 -16.61
N GLU A 164 -4.91 10.11 -17.09
CA GLU A 164 -4.84 11.39 -17.79
C GLU A 164 -4.05 12.43 -17.01
N PHE A 165 -4.14 12.36 -15.68
CA PHE A 165 -3.43 13.30 -14.83
C PHE A 165 -1.95 13.03 -14.88
N LEU A 166 -1.60 11.77 -14.67
CA LEU A 166 -0.21 11.35 -14.68
C LEU A 166 0.45 11.60 -16.03
N GLN A 167 -0.35 11.52 -17.09
CA GLN A 167 0.14 11.79 -18.43
C GLN A 167 0.42 13.26 -18.59
N ALA A 168 -0.60 14.07 -18.30
CA ALA A 168 -0.47 15.52 -18.39
C ALA A 168 0.75 15.99 -17.60
N ALA A 169 1.01 15.31 -16.49
CA ALA A 169 2.10 15.70 -15.62
C ALA A 169 3.45 15.42 -16.26
N GLY A 170 3.69 14.16 -16.62
CA GLY A 170 4.91 13.79 -17.30
C GLY A 170 5.09 14.66 -18.52
N LEU A 171 4.01 14.78 -19.28
CA LEU A 171 3.97 15.64 -20.45
C LEU A 171 4.44 17.06 -20.13
N SER A 172 3.95 17.62 -19.05
CA SER A 172 4.25 19.01 -18.71
C SER A 172 5.71 19.21 -18.33
N LEU A 173 6.42 18.10 -18.10
CA LEU A 173 7.85 18.16 -17.84
C LEU A 173 8.64 17.79 -19.08
N GLY A 174 7.92 17.69 -20.20
CA GLY A 174 8.51 17.29 -21.46
C GLY A 174 8.99 15.85 -21.47
N HIS A 175 8.12 14.94 -21.04
CA HIS A 175 8.44 13.52 -21.13
C HIS A 175 8.05 13.03 -22.52
N ASN A 176 9.01 12.46 -23.23
CA ASN A 176 8.81 12.07 -24.62
C ASN A 176 7.83 10.90 -24.81
N ASP A 177 7.21 10.45 -23.72
CA ASP A 177 6.30 9.30 -23.80
C ASP A 177 5.52 9.10 -22.50
N PRO A 178 4.52 9.97 -22.27
CA PRO A 178 3.74 10.06 -21.03
C PRO A 178 3.07 8.75 -20.65
N ALA A 179 2.38 8.11 -21.60
CA ALA A 179 1.72 6.85 -21.31
C ALA A 179 2.72 5.82 -20.77
N ASP A 180 4.00 6.03 -21.06
CA ASP A 180 5.03 5.13 -20.57
C ASP A 180 5.52 5.57 -19.21
N PHE A 181 5.62 6.89 -19.05
CA PHE A 181 5.88 7.50 -17.76
C PHE A 181 4.93 6.88 -16.75
N VAL A 182 3.64 6.93 -17.08
CA VAL A 182 2.60 6.29 -16.29
C VAL A 182 2.92 4.82 -16.03
N ARG A 183 3.16 4.06 -17.11
CA ARG A 183 3.50 2.64 -16.98
C ARG A 183 4.52 2.37 -15.88
N LYS A 184 5.59 3.16 -15.86
CA LYS A 184 6.67 2.96 -14.91
C LYS A 184 6.15 3.15 -13.48
N ILE A 185 5.49 4.26 -13.24
CA ILE A 185 4.94 4.56 -11.94
C ILE A 185 4.10 3.39 -11.40
N ILE A 186 3.14 2.95 -12.21
CA ILE A 186 2.28 1.84 -11.82
C ILE A 186 3.08 0.61 -11.43
N PHE A 187 4.23 0.44 -12.06
CA PHE A 187 5.08 -0.69 -11.71
C PHE A 187 5.72 -0.49 -10.35
N LYS A 188 6.24 0.71 -10.12
CA LYS A 188 6.89 1.03 -8.84
C LYS A 188 5.85 1.27 -7.73
N ASN A 189 4.61 1.54 -8.12
CA ASN A 189 3.58 1.89 -7.17
C ASN A 189 2.18 1.43 -7.59
N PRO A 190 1.86 0.16 -7.30
CA PRO A 190 0.59 -0.46 -7.68
C PRO A 190 -0.62 0.22 -7.05
N PHE A 191 -0.42 0.92 -5.95
CA PHE A 191 -1.51 1.53 -5.20
C PHE A 191 -1.76 2.93 -5.69
N ILE A 192 -1.29 3.24 -6.88
CA ILE A 192 -1.40 4.58 -7.41
C ILE A 192 -2.82 4.84 -7.89
N LEU A 193 -3.47 3.80 -8.39
CA LEU A 193 -4.77 3.98 -9.02
C LEU A 193 -5.88 4.17 -8.02
N ILE A 194 -5.60 3.78 -6.78
CA ILE A 194 -6.52 4.02 -5.68
C ILE A 194 -6.01 5.15 -4.80
N GLN A 195 -5.75 6.29 -5.42
CA GLN A 195 -5.35 7.50 -4.71
C GLN A 195 -5.97 8.68 -5.43
N SER A 196 -6.39 9.70 -4.69
CA SER A 196 -7.00 10.86 -5.32
C SER A 196 -5.96 11.65 -6.11
N THR A 197 -6.38 12.23 -7.22
CA THR A 197 -5.50 13.08 -8.01
C THR A 197 -5.11 14.24 -7.12
N LYS A 198 -6.05 14.66 -6.28
CA LYS A 198 -5.81 15.71 -5.30
C LYS A 198 -4.56 15.37 -4.49
N ARG A 199 -4.56 14.18 -3.88
CA ARG A 199 -3.43 13.73 -3.10
C ARG A 199 -2.15 13.75 -3.91
N VAL A 200 -2.10 12.93 -4.96
CA VAL A 200 -0.92 12.79 -5.79
C VAL A 200 -0.40 14.12 -6.31
N LYS A 201 -1.29 14.92 -6.88
CA LYS A 201 -0.92 16.24 -7.39
C LYS A 201 -0.17 17.01 -6.32
N ALA A 202 -0.72 17.00 -5.11
CA ALA A 202 -0.07 17.63 -3.97
C ALA A 202 1.30 17.03 -3.72
N ASN A 203 1.37 15.71 -3.60
CA ASN A 203 2.65 15.05 -3.33
C ASN A 203 3.69 15.31 -4.40
N ILE A 204 3.24 15.47 -5.64
CA ILE A 204 4.16 15.78 -6.73
C ILE A 204 4.68 17.18 -6.54
N GLU A 205 3.77 18.11 -6.23
CA GLU A 205 4.14 19.48 -5.98
C GLU A 205 5.10 19.59 -4.79
N PHE A 206 5.02 18.63 -3.89
CA PHE A 206 6.00 18.51 -2.82
C PHE A 206 7.38 18.28 -3.42
N LEU A 207 7.55 17.15 -4.08
CA LEU A 207 8.80 16.82 -4.75
C LEU A 207 9.35 18.00 -5.57
N ARG A 208 8.44 18.69 -6.26
CA ARG A 208 8.82 19.78 -7.13
C ARG A 208 9.53 20.86 -6.36
N SER A 209 8.80 21.53 -5.48
CA SER A 209 9.34 22.65 -4.70
C SER A 209 10.45 22.24 -3.74
N THR A 210 10.27 21.12 -3.06
CA THR A 210 11.22 20.69 -2.04
C THR A 210 12.67 20.61 -2.49
N PHE A 211 12.90 20.11 -3.71
CA PHE A 211 14.23 19.62 -4.07
C PHE A 211 15.04 20.45 -5.06
N ASN A 212 14.38 21.25 -5.89
CA ASN A 212 15.13 21.94 -6.94
C ASN A 212 15.95 20.94 -7.76
N LEU A 213 15.26 20.25 -8.66
CA LEU A 213 15.88 19.42 -9.68
C LEU A 213 15.49 20.04 -11.00
N ASN A 214 15.95 19.46 -12.10
CA ASN A 214 15.49 19.88 -13.41
C ASN A 214 14.45 18.90 -13.91
N SER A 215 13.66 19.34 -14.88
CA SER A 215 12.56 18.53 -15.40
C SER A 215 12.91 17.06 -15.51
N GLU A 216 14.07 16.75 -16.07
CA GLU A 216 14.48 15.36 -16.26
C GLU A 216 14.70 14.63 -14.93
N GLU A 217 15.45 15.26 -14.04
CA GLU A 217 15.75 14.65 -12.76
C GLU A 217 14.47 14.39 -11.97
N LEU A 218 13.55 15.34 -12.08
CA LEU A 218 12.26 15.22 -11.41
C LEU A 218 11.51 14.01 -11.95
N LEU A 219 11.39 13.95 -13.27
CA LEU A 219 10.73 12.84 -13.95
C LEU A 219 11.29 11.50 -13.50
N VAL A 220 12.61 11.39 -13.51
CA VAL A 220 13.26 10.13 -13.16
C VAL A 220 12.93 9.74 -11.74
N LEU A 221 12.84 10.73 -10.87
CA LEU A 221 12.55 10.53 -9.47
C LEU A 221 11.15 9.94 -9.29
N ILE A 222 10.16 10.66 -9.79
CA ILE A 222 8.78 10.24 -9.71
C ILE A 222 8.56 8.80 -10.18
N CYS A 223 9.19 8.39 -11.27
CA CYS A 223 9.11 7.01 -11.72
C CYS A 223 9.85 6.13 -10.74
N GLY A 224 11.08 6.52 -10.45
CA GLY A 224 12.00 5.70 -9.67
C GLY A 224 11.72 5.69 -8.19
N PRO A 225 12.67 6.20 -7.40
CA PRO A 225 12.62 6.08 -5.94
C PRO A 225 11.46 6.85 -5.32
N GLY A 226 11.04 7.95 -5.96
CA GLY A 226 10.03 8.81 -5.36
C GLY A 226 8.60 8.44 -5.69
N ALA A 227 8.42 7.29 -6.32
CA ALA A 227 7.10 6.86 -6.74
C ALA A 227 6.19 6.64 -5.53
N GLU A 228 6.69 5.88 -4.57
CA GLU A 228 5.96 5.57 -3.35
C GLU A 228 5.54 6.83 -2.59
N ILE A 229 6.34 7.87 -2.70
CA ILE A 229 6.08 9.12 -1.99
C ILE A 229 4.73 9.70 -2.40
N LEU A 230 4.17 9.20 -3.49
CA LEU A 230 2.92 9.75 -4.02
C LEU A 230 1.70 9.21 -3.28
N ASP A 231 1.88 8.11 -2.55
CA ASP A 231 0.82 7.52 -1.76
C ASP A 231 0.64 8.21 -0.41
N LEU A 232 1.72 8.86 0.05
CA LEU A 232 1.74 9.50 1.35
C LEU A 232 0.53 10.36 1.62
N SER A 233 0.15 10.44 2.89
CA SER A 233 -1.02 11.19 3.31
C SER A 233 -0.78 12.69 3.26
N ASN A 234 -1.87 13.43 3.41
CA ASN A 234 -1.86 14.89 3.34
C ASN A 234 -0.83 15.51 4.29
N ASP A 235 0.15 16.20 3.74
CA ASP A 235 1.11 16.97 4.53
C ASP A 235 1.99 16.08 5.41
N TYR A 236 1.87 14.77 5.26
CA TYR A 236 2.73 13.86 5.99
C TYR A 236 4.15 14.03 5.48
N ALA A 237 4.30 13.88 4.16
CA ALA A 237 5.58 14.00 3.50
C ALA A 237 6.23 15.34 3.85
N ARG A 238 5.43 16.40 3.73
CA ARG A 238 5.89 17.74 4.04
C ARG A 238 6.39 17.83 5.48
N ARG A 239 5.64 17.29 6.42
CA ARG A 239 6.05 17.25 7.82
C ARG A 239 7.30 16.40 7.99
N SER A 240 7.22 15.15 7.54
CA SER A 240 8.31 14.19 7.73
C SER A 240 9.64 14.75 7.24
N TYR A 241 9.61 15.45 6.12
CA TYR A 241 10.81 16.05 5.58
C TYR A 241 11.27 17.22 6.44
N ALA A 242 10.34 18.11 6.78
CA ALA A 242 10.65 19.24 7.64
C ALA A 242 11.37 18.77 8.90
N ASN A 243 10.90 17.67 9.45
CA ASN A 243 11.51 17.08 10.63
C ASN A 243 12.96 16.73 10.38
N ILE A 244 13.19 15.97 9.30
CA ILE A 244 14.54 15.61 8.89
C ILE A 244 15.42 16.83 8.69
N LYS A 245 14.93 17.76 7.88
CA LYS A 245 15.65 19.00 7.61
C LYS A 245 16.11 19.67 8.89
N GLU A 246 15.18 19.84 9.82
CA GLU A 246 15.48 20.53 11.08
C GLU A 246 16.49 19.75 11.91
N LYS A 247 16.34 18.43 11.97
CA LYS A 247 17.29 17.62 12.72
C LYS A 247 18.69 17.75 12.15
N LEU A 248 18.81 17.67 10.83
CA LEU A 248 20.11 17.77 10.20
C LEU A 248 20.66 19.18 10.28
N PHE A 249 19.85 20.17 9.93
CA PHE A 249 20.24 21.57 10.09
C PHE A 249 20.76 21.84 11.50
N SER A 250 20.16 21.16 12.47
CA SER A 250 20.56 21.33 13.87
C SER A 250 21.99 20.83 14.09
N LEU A 251 22.44 19.97 13.18
CA LEU A 251 23.77 19.40 13.27
C LEU A 251 24.77 20.10 12.35
N GLY A 252 24.36 21.21 11.75
CA GLY A 252 25.25 22.02 10.94
C GLY A 252 25.26 21.70 9.45
N CYS A 253 24.24 20.99 8.98
CA CYS A 253 24.19 20.54 7.60
C CYS A 253 23.78 21.64 6.62
N THR A 254 23.73 21.28 5.34
CA THR A 254 23.48 22.21 4.25
C THR A 254 22.11 21.93 3.66
N GLU A 255 21.42 22.96 3.19
CA GLU A 255 20.17 22.72 2.48
C GLU A 255 20.42 21.67 1.42
N GLU A 256 21.55 21.78 0.72
CA GLU A 256 21.88 20.85 -0.35
C GLU A 256 22.40 19.52 0.16
N GLU A 257 23.04 19.53 1.32
CA GLU A 257 23.44 18.28 1.96
C GLU A 257 22.21 17.45 2.30
N VAL A 258 21.19 18.10 2.86
CA VAL A 258 19.95 17.46 3.27
C VAL A 258 19.19 16.89 2.08
N GLN A 259 19.13 17.65 1.00
CA GLN A 259 18.43 17.21 -0.20
C GLN A 259 19.02 15.93 -0.73
N LYS A 260 20.34 15.88 -0.87
CA LYS A 260 20.98 14.69 -1.37
C LYS A 260 20.62 13.52 -0.45
N PHE A 261 20.78 13.73 0.84
CA PHE A 261 20.52 12.68 1.82
C PHE A 261 19.16 12.02 1.60
N VAL A 262 18.13 12.84 1.43
CA VAL A 262 16.79 12.32 1.20
C VAL A 262 16.68 11.70 -0.19
N LEU A 263 17.11 12.45 -1.19
CA LEU A 263 17.04 12.03 -2.59
C LEU A 263 17.80 10.73 -2.83
N SER A 264 18.87 10.54 -2.07
CA SER A 264 19.69 9.35 -2.22
C SER A 264 19.06 8.18 -1.49
N TYR A 265 17.92 8.43 -0.83
CA TYR A 265 17.29 7.39 -0.01
C TYR A 265 15.98 7.88 0.58
N PRO A 266 14.94 8.00 -0.26
CA PRO A 266 13.65 8.62 0.10
C PRO A 266 12.81 7.79 1.06
N ASP A 267 13.23 6.57 1.37
CA ASP A 267 12.51 5.73 2.32
C ASP A 267 12.58 6.31 3.72
N VAL A 268 13.47 7.27 3.90
CA VAL A 268 13.66 7.91 5.19
C VAL A 268 12.38 8.66 5.58
N ILE A 269 11.57 9.00 4.58
CA ILE A 269 10.32 9.71 4.83
C ILE A 269 9.30 8.81 5.54
N PHE A 270 9.40 7.51 5.31
CA PHE A 270 8.46 6.57 5.90
C PHE A 270 8.77 6.26 7.35
N LEU A 271 9.86 6.82 7.86
CA LEU A 271 10.20 6.66 9.27
C LEU A 271 9.36 7.60 10.11
N ALA A 272 8.92 7.12 11.26
CA ALA A 272 8.23 7.97 12.20
C ALA A 272 9.18 9.08 12.62
N GLU A 273 8.67 10.30 12.77
CA GLU A 273 9.50 11.42 13.19
C GLU A 273 10.34 11.10 14.42
N LYS A 274 9.79 10.31 15.33
CA LYS A 274 10.52 9.92 16.53
C LYS A 274 11.51 8.80 16.24
N LYS A 275 11.10 7.81 15.45
CA LYS A 275 12.01 6.75 15.04
C LYS A 275 13.29 7.35 14.48
N PHE A 276 13.12 8.28 13.55
CA PHE A 276 14.25 8.94 12.90
C PHE A 276 15.15 9.62 13.92
N ASN A 277 14.61 10.64 14.60
CA ASN A 277 15.34 11.41 15.57
C ASN A 277 16.13 10.52 16.53
N ASP A 278 15.46 9.50 17.05
CA ASP A 278 16.06 8.61 18.04
C ASP A 278 17.20 7.80 17.45
N LYS A 279 17.06 7.43 16.18
CA LYS A 279 18.10 6.65 15.52
C LYS A 279 19.33 7.50 15.37
N ILE A 280 19.13 8.72 14.88
CA ILE A 280 20.25 9.65 14.70
C ILE A 280 20.92 9.97 16.03
N ASP A 281 20.11 10.34 17.02
CA ASP A 281 20.64 10.63 18.34
C ASP A 281 21.49 9.48 18.87
N CYS A 282 21.04 8.25 18.66
CA CYS A 282 21.75 7.10 19.22
C CYS A 282 23.06 6.85 18.49
N LEU A 283 23.11 7.21 17.22
CA LEU A 283 24.34 7.09 16.45
C LEU A 283 25.31 8.18 16.86
N MET A 284 24.77 9.39 17.01
CA MET A 284 25.51 10.53 17.49
C MET A 284 26.13 10.27 18.86
N GLU A 285 25.33 9.70 19.75
CA GLU A 285 25.79 9.37 21.10
C GLU A 285 27.12 8.64 21.05
N GLU A 286 27.25 7.73 20.10
CA GLU A 286 28.45 6.92 19.95
C GLU A 286 29.48 7.59 19.04
N ASN A 287 29.45 8.92 19.03
CA ASN A 287 30.45 9.71 18.30
C ASN A 287 30.60 9.34 16.84
N ILE A 288 29.49 9.10 16.17
CA ILE A 288 29.50 8.79 14.74
C ILE A 288 29.19 10.03 13.92
N SER A 289 30.21 10.55 13.25
CA SER A 289 30.07 11.77 12.45
C SER A 289 28.74 11.84 11.71
N ILE A 290 28.08 12.99 11.82
CA ILE A 290 26.86 13.25 11.06
C ILE A 290 27.10 12.96 9.59
N SER A 291 28.30 13.29 9.11
CA SER A 291 28.65 13.07 7.71
C SER A 291 28.67 11.58 7.37
N GLN A 292 29.16 10.78 8.32
CA GLN A 292 29.18 9.34 8.15
C GLN A 292 27.79 8.82 7.87
N ILE A 293 26.80 9.41 8.54
CA ILE A 293 25.42 8.98 8.37
C ILE A 293 24.86 9.40 7.01
N ILE A 294 24.95 10.68 6.69
CA ILE A 294 24.33 11.17 5.47
C ILE A 294 24.94 10.56 4.21
N GLU A 295 26.13 9.98 4.34
CA GLU A 295 26.78 9.34 3.21
C GLU A 295 26.59 7.82 3.26
N ASN A 296 25.90 7.37 4.31
CA ASN A 296 25.51 5.98 4.42
C ASN A 296 24.09 5.91 4.97
N PRO A 297 23.13 6.47 4.23
CA PRO A 297 21.76 6.67 4.70
C PRO A 297 21.06 5.34 5.03
N ARG A 298 21.43 4.28 4.33
CA ARG A 298 20.77 2.99 4.51
C ARG A 298 21.11 2.30 5.83
N VAL A 299 21.97 2.90 6.62
CA VAL A 299 22.28 2.35 7.93
C VAL A 299 21.07 2.55 8.83
N LEU A 300 20.18 3.45 8.41
CA LEU A 300 18.97 3.75 9.17
C LEU A 300 17.90 2.70 8.93
N ASP A 301 18.25 1.65 8.20
CA ASP A 301 17.36 0.50 8.05
C ASP A 301 17.21 -0.18 9.40
N SER A 302 18.35 -0.46 10.02
CA SER A 302 18.41 -1.27 11.23
C SER A 302 17.60 -0.69 12.38
N SER A 303 16.90 -1.58 13.09
CA SER A 303 16.19 -1.18 14.30
C SER A 303 17.19 -0.67 15.32
N ILE A 304 16.83 0.44 15.96
CA ILE A 304 17.65 1.05 17.01
C ILE A 304 18.24 -0.02 17.90
N SER A 305 17.48 -1.10 18.09
CA SER A 305 17.88 -2.20 18.96
C SER A 305 19.15 -2.86 18.45
N THR A 306 19.09 -3.36 17.21
CA THR A 306 20.27 -3.95 16.58
C THR A 306 21.34 -2.90 16.40
N LEU A 307 20.91 -1.75 15.87
CA LEU A 307 21.80 -0.62 15.65
C LEU A 307 22.63 -0.31 16.90
N LYS A 308 21.98 -0.35 18.05
CA LYS A 308 22.67 -0.05 19.31
C LYS A 308 23.64 -1.16 19.71
N SER A 309 23.14 -2.40 19.75
CA SER A 309 23.95 -3.53 20.18
C SER A 309 25.13 -3.73 19.23
N ARG A 310 24.83 -3.67 17.93
CA ARG A 310 25.84 -3.77 16.89
C ARG A 310 27.04 -2.92 17.26
N ILE A 311 26.76 -1.65 17.57
CA ILE A 311 27.78 -0.70 17.99
C ILE A 311 28.58 -1.19 19.18
N LYS A 312 27.90 -1.32 20.33
CA LYS A 312 28.53 -1.82 21.54
C LYS A 312 29.41 -3.04 21.26
N GLU A 313 28.87 -3.98 20.49
CA GLU A 313 29.64 -5.15 20.11
C GLU A 313 30.92 -4.74 19.36
N LEU A 314 30.75 -3.87 18.37
CA LEU A 314 31.87 -3.35 17.60
C LEU A 314 32.90 -2.66 18.48
N VAL A 315 32.43 -1.73 19.31
CA VAL A 315 33.32 -0.98 20.20
C VAL A 315 34.11 -1.93 21.09
N ASN A 316 33.40 -2.82 21.78
CA ASN A 316 34.04 -3.78 22.65
C ASN A 316 35.07 -4.62 21.91
N ALA A 317 34.76 -4.94 20.66
CA ALA A 317 35.69 -5.66 19.80
C ALA A 317 36.87 -4.78 19.39
N GLY A 318 37.15 -3.77 20.22
CA GLY A 318 38.28 -2.86 20.00
C GLY A 318 38.27 -2.20 18.65
N CYS A 319 37.20 -1.48 18.33
CA CYS A 319 37.08 -0.79 17.06
C CYS A 319 36.92 0.72 17.18
N ASN A 320 36.94 1.39 16.04
CA ASN A 320 36.99 2.84 15.97
C ASN A 320 35.94 3.41 15.03
N LEU A 321 34.79 3.75 15.59
CA LEU A 321 33.59 4.05 14.81
C LEU A 321 33.65 5.32 13.95
N SER A 322 34.65 6.16 14.19
CA SER A 322 34.84 7.34 13.33
C SER A 322 35.71 6.96 12.14
N THR A 323 36.42 5.84 12.27
CA THR A 323 37.30 5.36 11.24
C THR A 323 36.58 4.40 10.29
N LEU A 324 35.81 3.47 10.86
CA LEU A 324 35.29 2.35 10.08
C LEU A 324 34.15 2.69 9.13
N ASN A 325 33.79 1.72 8.31
CA ASN A 325 32.74 1.85 7.31
C ASN A 325 31.41 1.36 7.87
N ILE A 326 30.57 2.29 8.32
CA ILE A 326 29.39 1.94 9.09
C ILE A 326 28.23 1.36 8.26
N THR A 327 28.48 1.04 7.00
CA THR A 327 27.50 0.33 6.19
C THR A 327 27.33 -1.04 6.83
N LEU A 328 28.39 -1.48 7.49
CA LEU A 328 28.44 -2.73 8.22
C LEU A 328 27.22 -2.94 9.09
N LEU A 329 26.74 -1.85 9.70
CA LEU A 329 25.63 -1.90 10.65
C LEU A 329 24.33 -2.37 10.02
N SER A 330 24.06 -1.90 8.80
CA SER A 330 22.84 -2.27 8.08
C SER A 330 23.06 -3.49 7.20
N TRP A 331 23.84 -4.43 7.69
CA TRP A 331 24.14 -5.64 6.92
C TRP A 331 23.38 -6.84 7.46
N SER A 332 23.43 -7.94 6.73
CA SER A 332 22.79 -9.18 7.16
C SER A 332 23.47 -9.68 8.43
N LYS A 333 22.71 -10.38 9.27
CA LYS A 333 23.29 -10.95 10.49
C LYS A 333 24.51 -11.80 10.11
N LYS A 334 24.40 -12.51 8.99
CA LYS A 334 25.51 -13.24 8.41
C LYS A 334 26.67 -12.29 8.15
N ARG A 335 26.48 -11.48 7.11
CA ARG A 335 27.53 -10.59 6.61
C ARG A 335 28.13 -9.71 7.71
N TYR A 336 27.29 -9.22 8.61
CA TYR A 336 27.77 -8.41 9.72
C TYR A 336 28.72 -9.22 10.61
N GLU A 337 28.22 -10.33 11.15
CA GLU A 337 29.04 -11.19 12.01
C GLU A 337 30.33 -11.59 11.30
N ALA A 338 30.25 -11.72 9.98
CA ALA A 338 31.39 -12.10 9.16
C ALA A 338 32.51 -11.07 9.27
N LYS A 339 32.19 -9.82 8.94
CA LYS A 339 33.18 -8.75 9.03
C LYS A 339 33.60 -8.49 10.46
N LEU A 340 32.65 -8.62 11.39
CA LEU A 340 32.93 -8.38 12.80
C LEU A 340 34.12 -9.18 13.30
N LYS A 341 34.04 -10.51 13.16
CA LYS A 341 35.14 -11.36 13.61
C LYS A 341 36.42 -11.01 12.89
N LYS A 342 36.33 -10.89 11.57
CA LYS A 342 37.44 -10.47 10.73
C LYS A 342 38.11 -9.23 11.32
N LEU A 343 37.30 -8.39 11.97
CA LEU A 343 37.79 -7.13 12.54
C LEU A 343 38.34 -7.33 13.94
N SER A 344 37.52 -7.91 14.82
CA SER A 344 37.96 -8.19 16.18
C SER A 344 39.27 -8.98 16.13
N ARG A 345 39.31 -9.96 15.23
CA ARG A 345 40.53 -10.72 14.97
C ARG A 345 41.66 -9.82 14.45
N PHE A 346 41.32 -8.93 13.52
CA PHE A 346 42.29 -8.03 12.92
C PHE A 346 42.84 -7.00 13.93
N ALA A 347 41.95 -6.43 14.74
CA ALA A 347 42.35 -5.49 15.77
C ALA A 347 42.96 -6.24 16.96
N HIS A 348 42.72 -7.55 16.98
CA HIS A 348 43.37 -8.44 17.94
C HIS A 348 44.83 -8.62 17.53
N HIS A 349 45.15 -8.19 16.32
CA HIS A 349 46.51 -8.29 15.79
C HIS A 349 47.05 -9.71 15.91
#